data_9GA0
#
_entry.id   9GA0
#
_cell.length_a   50.003
_cell.length_b   84.322
_cell.length_c   118.348
_cell.angle_alpha   90
_cell.angle_beta   90
_cell.angle_gamma   90
#
_symmetry.space_group_name_H-M   'P 21 21 2'
#
loop_
_entity.id
_entity.type
_entity.pdbx_description
1 polymer 'Photoconvertible fluorescent protein'
2 non-polymer 'SODIUM ION'
3 water water
#
_entity_poly.entity_id   1
_entity_poly.type   'polypeptide(L)'
_entity_poly.pdbx_seq_one_letter_code
;MVSVITSEMKIELRMEGAVNGHKFVITGKGSGQPFEGIQNVDLTVIEGGPLPFAFDILTTAF(A1IJE)NRVFVEYPEEI
VDYFKQSFPEGYSWERSMSYEDGGICLATNNITMKKDGSNCFVNEIRFDGVNFPANGPVMQRKTVKWEPSTEKMYVRDGV
LKGDVNMALLLQGGGHYRCDFRTTYKAKKVVQLPDYHFVDHSMEITSHDKDYNKVKLYEHAKAHSGLPRLAK
;
_entity_poly.pdbx_strand_id   G,H
#
loop_
_chem_comp.id
_chem_comp.type
_chem_comp.name
_chem_comp.formula
NA non-polymer 'SODIUM ION' 'Na 1'
#
# COMPACT_ATOMS: atom_id res chain seq x y z
N MET A 1 0.43 -17.34 31.49
CA MET A 1 1.59 -16.43 31.53
C MET A 1 1.18 -15.09 32.19
N VAL A 2 2.14 -14.19 32.40
CA VAL A 2 1.87 -12.93 33.10
C VAL A 2 1.43 -11.80 32.19
N SER A 3 0.28 -11.22 32.50
CA SER A 3 -0.22 -10.10 31.74
C SER A 3 0.03 -8.78 32.45
N VAL A 4 0.49 -7.77 31.71
CA VAL A 4 0.68 -6.44 32.27
C VAL A 4 -0.47 -5.47 31.89
N ILE A 5 -1.56 -5.98 31.27
CA ILE A 5 -2.66 -5.12 30.90
C ILE A 5 -3.42 -4.67 32.15
N THR A 6 -3.77 -3.37 32.23
N THR A 6 -3.79 -3.39 32.22
CA THR A 6 -4.57 -2.80 33.31
CA THR A 6 -4.57 -2.87 33.33
C THR A 6 -5.91 -2.30 32.77
C THR A 6 -5.88 -2.26 32.79
N SER A 7 -6.89 -2.04 33.65
CA SER A 7 -8.21 -1.61 33.19
C SER A 7 -8.29 -0.25 32.51
N GLU A 8 -7.35 0.66 32.80
CA GLU A 8 -7.37 1.96 32.16
C GLU A 8 -5.97 2.18 31.57
N MET A 9 -5.88 2.33 30.22
CA MET A 9 -4.58 2.55 29.60
C MET A 9 -4.65 3.71 28.59
N LYS A 10 -3.57 4.48 28.48
CA LYS A 10 -3.50 5.60 27.57
C LYS A 10 -3.00 5.18 26.19
N ILE A 11 -3.20 6.06 25.20
CA ILE A 11 -2.80 5.82 23.83
C ILE A 11 -2.15 7.06 23.27
N GLU A 12 -1.07 6.88 22.53
CA GLU A 12 -0.44 7.92 21.75
C GLU A 12 -0.17 7.32 20.37
N LEU A 13 -0.40 8.12 19.31
CA LEU A 13 -0.12 7.62 17.98
C LEU A 13 0.37 8.68 17.01
N ARG A 14 1.02 8.20 15.95
CA ARG A 14 1.45 9.06 14.87
C ARG A 14 1.30 8.27 13.59
N MET A 15 0.53 8.81 12.66
CA MET A 15 0.36 8.19 11.36
C MET A 15 1.02 9.10 10.31
N GLU A 16 1.78 8.51 9.41
CA GLU A 16 2.36 9.20 8.26
C GLU A 16 1.88 8.39 7.07
N GLY A 17 1.49 9.07 6.00
CA GLY A 17 1.02 8.36 4.82
C GLY A 17 0.75 9.20 3.60
N ALA A 18 0.13 8.55 2.60
CA ALA A 18 -0.19 9.22 1.37
C ALA A 18 -1.38 8.53 0.72
N VAL A 19 -2.30 9.30 0.16
CA VAL A 19 -3.45 8.75 -0.53
C VAL A 19 -3.51 9.44 -1.88
N ASN A 20 -3.41 8.67 -2.98
CA ASN A 20 -3.33 9.20 -4.35
C ASN A 20 -2.20 10.29 -4.44
N GLY A 21 -1.10 10.05 -3.73
CA GLY A 21 0.05 10.94 -3.74
C GLY A 21 -0.01 12.11 -2.78
N HIS A 22 -1.17 12.36 -2.15
CA HIS A 22 -1.33 13.44 -1.18
C HIS A 22 -0.78 12.99 0.18
N LYS A 23 0.35 13.58 0.59
CA LYS A 23 1.04 13.27 1.84
C LYS A 23 0.32 13.89 3.04
N PHE A 24 0.45 13.26 4.21
CA PHE A 24 -0.17 13.77 5.43
C PHE A 24 0.46 13.15 6.65
N VAL A 25 0.34 13.85 7.78
CA VAL A 25 0.81 13.38 9.07
C VAL A 25 -0.30 13.68 10.06
N ILE A 26 -0.67 12.70 10.89
CA ILE A 26 -1.74 12.91 11.86
C ILE A 26 -1.28 12.34 13.19
N THR A 27 -1.44 13.08 14.27
CA THR A 27 -1.08 12.57 15.61
C THR A 27 -2.34 12.45 16.42
N GLY A 28 -2.27 11.61 17.45
CA GLY A 28 -3.43 11.38 18.29
C GLY A 28 -3.09 10.96 19.69
N LYS A 29 -3.99 11.29 20.62
CA LYS A 29 -3.87 10.92 22.03
C LYS A 29 -5.23 10.41 22.45
N GLY A 30 -5.22 9.41 23.32
CA GLY A 30 -6.49 8.89 23.81
C GLY A 30 -6.35 8.00 25.01
N SER A 31 -7.38 7.23 25.25
CA SER A 31 -7.39 6.30 26.37
C SER A 31 -8.44 5.23 26.14
N GLY A 32 -8.23 4.08 26.77
CA GLY A 32 -9.16 2.98 26.61
C GLY A 32 -9.25 2.10 27.82
N GLN A 33 -10.20 1.15 27.76
CA GLN A 33 -10.39 0.17 28.82
C GLN A 33 -10.27 -1.20 28.10
N PRO A 34 -9.03 -1.77 28.12
CA PRO A 34 -8.77 -3.03 27.40
C PRO A 34 -9.72 -4.18 27.72
N PHE A 35 -10.10 -4.37 29.00
CA PHE A 35 -10.98 -5.47 29.37
C PHE A 35 -12.43 -5.24 28.97
N GLU A 36 -12.85 -3.97 28.84
CA GLU A 36 -14.20 -3.66 28.40
C GLU A 36 -14.27 -3.50 26.86
N GLY A 37 -13.12 -3.50 26.18
CA GLY A 37 -13.04 -3.37 24.74
C GLY A 37 -13.51 -2.05 24.19
N ILE A 38 -13.27 -0.95 24.89
CA ILE A 38 -13.69 0.38 24.45
C ILE A 38 -12.53 1.33 24.49
N GLN A 39 -12.51 2.29 23.56
CA GLN A 39 -11.42 3.25 23.50
C GLN A 39 -11.86 4.52 22.81
N ASN A 40 -11.13 5.60 23.08
N ASN A 40 -11.18 5.64 23.10
CA ASN A 40 -11.31 6.89 22.46
CA ASN A 40 -11.47 6.95 22.49
C ASN A 40 -9.97 7.43 22.05
C ASN A 40 -10.15 7.66 22.20
N VAL A 41 -9.98 8.20 20.98
CA VAL A 41 -8.79 8.89 20.54
C VAL A 41 -9.19 10.24 19.93
N ASP A 42 -8.37 11.28 20.19
CA ASP A 42 -8.54 12.62 19.62
C ASP A 42 -7.40 12.77 18.61
N LEU A 43 -7.73 13.00 17.36
CA LEU A 43 -6.77 13.09 16.25
C LEU A 43 -6.64 14.51 15.73
N THR A 44 -5.44 14.86 15.30
CA THR A 44 -5.16 16.16 14.72
C THR A 44 -4.30 15.99 13.49
N VAL A 45 -4.76 16.51 12.36
CA VAL A 45 -3.96 16.50 11.13
C VAL A 45 -2.90 17.62 11.29
N ILE A 46 -1.61 17.28 11.37
CA ILE A 46 -0.58 18.33 11.54
C ILE A 46 0.11 18.67 10.21
N GLU A 47 0.02 17.80 9.18
CA GLU A 47 0.57 18.08 7.85
C GLU A 47 -0.41 17.54 6.82
N GLY A 48 -0.59 18.26 5.75
CA GLY A 48 -1.44 17.81 4.65
C GLY A 48 -2.90 18.22 4.70
N GLY A 49 -3.30 18.91 5.75
CA GLY A 49 -4.68 19.37 5.87
C GLY A 49 -4.95 20.60 5.01
N PRO A 50 -6.18 20.83 4.50
CA PRO A 50 -7.37 19.96 4.60
C PRO A 50 -7.20 18.71 3.71
N LEU A 51 -7.52 17.52 4.24
CA LEU A 51 -7.36 16.29 3.48
C LEU A 51 -8.36 16.27 2.34
N PRO A 52 -7.91 15.91 1.14
CA PRO A 52 -8.84 15.89 -0.01
C PRO A 52 -9.67 14.60 -0.13
N PHE A 53 -9.39 13.60 0.72
CA PHE A 53 -10.09 12.32 0.68
C PHE A 53 -10.93 12.09 1.97
N ALA A 54 -11.90 11.13 1.92
CA ALA A 54 -12.75 10.82 3.06
C ALA A 54 -11.89 10.38 4.26
N PHE A 55 -12.04 11.08 5.39
CA PHE A 55 -11.31 10.72 6.61
C PHE A 55 -11.62 9.29 7.05
N ASP A 56 -12.86 8.80 6.75
CA ASP A 56 -13.26 7.43 7.11
C ASP A 56 -12.29 6.35 6.65
N ILE A 57 -11.60 6.53 5.49
CA ILE A 57 -10.67 5.46 5.04
C ILE A 57 -9.52 5.24 6.04
N LEU A 58 -9.16 6.26 6.83
CA LEU A 58 -8.04 6.11 7.79
C LEU A 58 -8.41 5.54 9.18
N THR A 59 -9.67 5.64 9.58
CA THR A 59 -10.06 5.44 10.99
C THR A 59 -9.75 4.06 11.59
N THR A 60 -9.93 2.94 10.86
CA THR A 60 -9.56 1.64 11.43
C THR A 60 -8.03 1.49 11.59
N ALA A 61 -7.21 2.35 10.97
CA ALA A 61 -5.76 2.29 11.20
C ALA A 61 -5.42 2.92 12.58
N PHE A 62 -6.23 3.90 13.02
CA PHE A 62 -6.07 4.52 14.35
C PHE A 62 -6.66 3.57 15.39
N1 A1IJE A 63 -7.83 2.96 15.13
C1 A1IJE A 63 -8.57 0.69 15.29
C A1IJE A 63 -10.88 4.32 18.09
CA A1IJE A 63 -9.65 3.79 17.36
CB A1IJE A 63 -9.85 2.54 16.50
CA1 A1IJE A 63 -8.50 2.00 16.02
O5 A1IJE A 63 -11.99 4.15 17.52
O4 A1IJE A 63 -10.72 4.86 19.21
N2 A1IJE A 63 -9.67 0.12 14.83
CA2 A1IJE A 63 -9.26 -1.08 14.26
C11 A1IJE A 63 -10.14 -2.01 13.64
C12 A1IJE A 63 -11.45 -1.99 13.25
C13 A1IJE A 63 -12.40 -0.98 13.59
C14 A1IJE A 63 -13.69 -1.07 13.23
C15 A1IJE A 63 -14.19 -2.21 12.45
O16 A1IJE A 63 -15.39 -2.30 12.13
C17 A1IJE A 63 -13.21 -3.23 12.09
C18 A1IJE A 63 -11.91 -3.12 12.47
C2 A1IJE A 63 -7.88 -1.19 14.40
O2 A1IJE A 63 -7.08 -2.08 14.09
N3 A1IJE A 63 -7.46 -0.09 15.03
CA3 A1IJE A 63 -6.07 0.24 15.25
C3 A1IJE A 63 -5.37 -0.66 16.27
O3 A1IJE A 63 -4.12 -0.74 16.20
N ASN A 64 -6.07 -1.17 17.30
CA ASN A 64 -5.34 -1.89 18.34
C ASN A 64 -6.27 -2.92 18.96
N ARG A 65 -6.12 -4.19 18.59
CA ARG A 65 -6.96 -5.31 19.01
C ARG A 65 -6.80 -5.69 20.52
N VAL A 66 -5.93 -4.99 21.24
N VAL A 66 -5.92 -4.99 21.26
CA VAL A 66 -5.84 -5.14 22.68
CA VAL A 66 -5.89 -5.16 22.70
C VAL A 66 -7.18 -4.57 23.30
C VAL A 66 -7.21 -4.59 23.29
N PHE A 67 -7.88 -3.63 22.59
CA PHE A 67 -9.14 -3.07 23.08
C PHE A 67 -10.33 -3.87 22.58
N VAL A 68 -10.44 -5.11 23.09
CA VAL A 68 -11.49 -6.05 22.77
C VAL A 68 -11.84 -6.79 24.08
N GLU A 69 -13.13 -6.96 24.37
CA GLU A 69 -13.53 -7.75 25.51
C GLU A 69 -13.43 -9.22 25.08
N TYR A 70 -12.36 -9.90 25.54
CA TYR A 70 -12.19 -11.31 25.25
C TYR A 70 -12.74 -12.09 26.43
N PRO A 71 -13.66 -13.03 26.17
CA PRO A 71 -14.12 -13.92 27.24
C PRO A 71 -12.99 -14.86 27.66
N GLU A 72 -13.07 -15.38 28.90
CA GLU A 72 -12.08 -16.30 29.42
C GLU A 72 -11.80 -17.51 28.50
N GLU A 73 -12.85 -18.10 27.91
CA GLU A 73 -12.71 -19.29 27.04
C GLU A 73 -11.95 -19.05 25.73
N ILE A 74 -11.76 -17.80 25.31
CA ILE A 74 -11.05 -17.52 24.06
C ILE A 74 -9.67 -16.92 24.33
N VAL A 75 -8.62 -17.57 23.82
CA VAL A 75 -7.23 -17.10 23.93
C VAL A 75 -7.09 -15.69 23.38
N ASP A 76 -6.47 -14.80 24.14
CA ASP A 76 -6.28 -13.40 23.79
C ASP A 76 -4.88 -13.20 23.34
N TYR A 77 -4.66 -13.30 22.02
CA TYR A 77 -3.35 -13.14 21.41
C TYR A 77 -2.72 -11.79 21.75
N PHE A 78 -3.56 -10.75 21.87
CA PHE A 78 -3.13 -9.36 21.99
C PHE A 78 -2.66 -8.98 23.39
N LYS A 79 -3.47 -9.29 24.42
CA LYS A 79 -3.11 -8.95 25.77
C LYS A 79 -1.89 -9.74 26.23
N GLN A 80 -1.68 -10.99 25.73
CA GLN A 80 -0.49 -11.74 26.10
C GLN A 80 0.79 -11.12 25.58
N SER A 81 0.73 -10.41 24.43
CA SER A 81 1.92 -9.93 23.78
C SER A 81 2.64 -8.80 24.53
N PHE A 82 1.98 -8.13 25.48
CA PHE A 82 2.62 -7.01 26.18
C PHE A 82 3.52 -7.49 27.36
N PRO A 83 4.56 -6.73 27.75
CA PRO A 83 4.91 -5.37 27.31
C PRO A 83 5.58 -5.24 25.96
N GLU A 84 6.17 -6.33 25.43
CA GLU A 84 6.91 -6.29 24.17
C GLU A 84 6.04 -5.73 23.03
N GLY A 85 4.80 -6.19 22.99
CA GLY A 85 3.85 -5.69 22.01
C GLY A 85 3.71 -6.54 20.76
N TYR A 86 3.11 -5.96 19.75
CA TYR A 86 2.88 -6.65 18.48
C TYR A 86 2.76 -5.62 17.38
N SER A 87 2.78 -6.09 16.14
CA SER A 87 2.55 -5.22 15.00
C SER A 87 1.44 -5.82 14.15
N TRP A 88 0.87 -5.02 13.25
CA TRP A 88 -0.07 -5.52 12.26
C TRP A 88 0.19 -4.87 10.92
N GLU A 89 -0.22 -5.61 9.87
N GLU A 89 -0.24 -5.57 9.87
CA GLU A 89 -0.13 -5.26 8.45
CA GLU A 89 -0.17 -5.11 8.50
C GLU A 89 -1.51 -5.52 7.88
C GLU A 89 -1.51 -5.49 7.88
N ARG A 90 -2.05 -4.61 7.05
CA ARG A 90 -3.38 -4.80 6.52
C ARG A 90 -3.53 -4.31 5.10
N SER A 91 -4.30 -5.06 4.30
CA SER A 91 -4.70 -4.58 2.97
C SER A 91 -6.22 -4.29 3.06
N MET A 92 -6.66 -3.17 2.47
CA MET A 92 -8.06 -2.73 2.48
C MET A 92 -8.45 -2.50 1.04
N SER A 93 -9.19 -3.45 0.47
CA SER A 93 -9.50 -3.43 -0.95
C SER A 93 -10.91 -3.03 -1.20
N TYR A 94 -11.08 -1.84 -1.81
CA TYR A 94 -12.39 -1.26 -2.12
C TYR A 94 -12.97 -1.80 -3.44
N GLU A 95 -14.32 -1.92 -3.51
CA GLU A 95 -14.97 -2.50 -4.67
C GLU A 95 -14.76 -1.71 -5.97
N ASP A 96 -14.34 -0.43 -5.88
CA ASP A 96 -14.10 0.34 -7.11
C ASP A 96 -12.60 0.35 -7.53
N GLY A 97 -11.80 -0.54 -6.96
CA GLY A 97 -10.39 -0.67 -7.33
C GLY A 97 -9.43 0.12 -6.47
N GLY A 98 -9.95 1.08 -5.69
CA GLY A 98 -9.13 1.78 -4.70
C GLY A 98 -8.58 0.80 -3.68
N ILE A 99 -7.33 1.00 -3.24
CA ILE A 99 -6.70 0.07 -2.31
C ILE A 99 -5.81 0.80 -1.35
N CYS A 100 -5.86 0.42 -0.06
CA CYS A 100 -4.99 0.99 0.95
C CYS A 100 -4.24 -0.11 1.68
N LEU A 101 -3.00 0.16 2.08
CA LEU A 101 -2.24 -0.74 2.93
C LEU A 101 -1.87 0.10 4.15
N ALA A 102 -1.86 -0.54 5.32
CA ALA A 102 -1.46 0.14 6.53
C ALA A 102 -0.70 -0.82 7.44
N THR A 103 0.17 -0.26 8.26
CA THR A 103 0.89 -1.02 9.29
C THR A 103 0.82 -0.25 10.61
N ASN A 104 0.93 -0.96 11.72
CA ASN A 104 1.01 -0.32 13.02
C ASN A 104 1.98 -1.13 13.86
N ASN A 105 2.98 -0.47 14.45
CA ASN A 105 3.89 -1.14 15.37
C ASN A 105 3.45 -0.65 16.75
N ILE A 106 2.95 -1.57 17.62
CA ILE A 106 2.40 -1.19 18.92
C ILE A 106 3.29 -1.65 20.07
N THR A 107 3.86 -0.69 20.80
CA THR A 107 4.76 -0.98 21.91
C THR A 107 4.31 -0.13 23.14
N MET A 108 5.00 -0.26 24.28
CA MET A 108 4.70 0.53 25.46
C MET A 108 5.58 1.75 25.46
N LYS A 109 5.08 2.86 26.00
CA LYS A 109 5.85 4.10 26.06
C LYS A 109 7.14 3.87 26.86
N LYS A 110 8.26 4.38 26.36
CA LYS A 110 9.58 4.17 26.94
C LYS A 110 9.76 4.70 28.37
N ASP A 111 8.83 5.53 28.87
CA ASP A 111 8.94 6.03 30.25
C ASP A 111 8.30 5.09 31.31
N GLY A 112 7.93 3.88 30.91
CA GLY A 112 7.35 2.91 31.82
C GLY A 112 5.88 3.09 32.13
N SER A 113 5.25 4.16 31.62
CA SER A 113 3.84 4.41 31.91
C SER A 113 2.88 3.41 31.22
N ASN A 114 1.60 3.42 31.64
CA ASN A 114 0.53 2.58 31.10
C ASN A 114 0.00 3.21 29.80
N CYS A 115 0.89 3.33 28.80
CA CYS A 115 0.57 3.99 27.54
C CYS A 115 1.04 3.20 26.31
N PHE A 116 0.12 2.95 25.38
CA PHE A 116 0.48 2.29 24.13
C PHE A 116 0.97 3.34 23.16
N VAL A 117 2.09 3.06 22.47
CA VAL A 117 2.65 3.91 21.45
C VAL A 117 2.42 3.21 20.11
N ASN A 118 1.80 3.92 19.18
CA ASN A 118 1.44 3.38 17.87
C ASN A 118 2.18 4.10 16.77
N GLU A 119 2.99 3.40 15.98
CA GLU A 119 3.69 4.00 14.86
C GLU A 119 2.97 3.46 13.59
N ILE A 120 2.17 4.33 12.93
CA ILE A 120 1.33 3.91 11.82
C ILE A 120 1.79 4.46 10.47
N ARG A 121 1.78 3.59 9.45
CA ARG A 121 2.06 4.04 8.09
C ARG A 121 0.80 3.73 7.28
N PHE A 122 0.36 4.65 6.41
CA PHE A 122 -0.87 4.41 5.64
C PHE A 122 -0.67 4.86 4.22
N ASP A 123 -1.02 4.02 3.22
CA ASP A 123 -0.81 4.39 1.82
C ASP A 123 -2.00 3.93 1.00
N GLY A 124 -2.54 4.80 0.14
CA GLY A 124 -3.68 4.44 -0.68
C GLY A 124 -3.47 4.85 -2.13
N VAL A 125 -3.97 4.04 -3.07
CA VAL A 125 -3.84 4.35 -4.50
C VAL A 125 -5.12 3.92 -5.27
N ASN A 126 -5.25 4.39 -6.51
CA ASN A 126 -6.26 4.04 -7.50
C ASN A 126 -7.67 4.37 -7.10
N PHE A 127 -7.84 5.42 -6.27
CA PHE A 127 -9.18 5.87 -5.97
C PHE A 127 -9.67 6.74 -7.15
N PRO A 128 -10.79 6.37 -7.78
CA PRO A 128 -11.35 7.20 -8.87
C PRO A 128 -11.63 8.64 -8.39
N ALA A 129 -11.36 9.63 -9.25
CA ALA A 129 -11.55 11.04 -8.94
C ALA A 129 -12.98 11.38 -8.52
N ASN A 130 -13.96 10.66 -9.08
CA ASN A 130 -15.37 10.89 -8.77
C ASN A 130 -16.00 9.85 -7.83
N GLY A 131 -15.17 9.01 -7.20
CA GLY A 131 -15.67 8.03 -6.27
C GLY A 131 -16.01 8.69 -4.95
N PRO A 132 -16.61 7.90 -4.05
CA PRO A 132 -17.01 8.48 -2.75
C PRO A 132 -15.83 8.85 -1.84
N VAL A 133 -14.64 8.28 -2.07
CA VAL A 133 -13.49 8.60 -1.24
C VAL A 133 -12.94 9.96 -1.62
N MET A 134 -12.67 10.18 -2.90
CA MET A 134 -12.16 11.47 -3.34
C MET A 134 -13.19 12.62 -3.30
N GLN A 135 -14.47 12.28 -3.47
CA GLN A 135 -15.54 13.29 -3.37
C GLN A 135 -16.03 13.48 -1.90
N ARG A 136 -15.49 12.71 -0.95
CA ARG A 136 -15.88 12.77 0.44
C ARG A 136 -17.39 12.61 0.63
N LYS A 137 -17.93 11.49 0.13
CA LYS A 137 -19.36 11.20 0.24
C LYS A 137 -19.65 10.05 1.25
N THR A 138 -18.74 9.74 2.16
CA THR A 138 -18.97 8.67 3.13
C THR A 138 -19.62 9.22 4.40
N VAL A 139 -20.45 8.39 5.07
CA VAL A 139 -21.12 8.80 6.33
C VAL A 139 -20.41 8.14 7.55
N LYS A 140 -20.23 6.80 7.49
CA LYS A 140 -19.56 6.04 8.53
C LYS A 140 -19.29 4.61 8.08
N TRP A 141 -18.46 3.90 8.84
CA TRP A 141 -18.32 2.46 8.62
C TRP A 141 -19.49 1.83 9.41
N GLU A 142 -20.09 0.79 8.83
CA GLU A 142 -21.07 0.00 9.56
C GLU A 142 -20.29 -0.81 10.62
N PRO A 143 -21.00 -1.33 11.65
CA PRO A 143 -20.37 -2.35 12.53
C PRO A 143 -19.96 -3.56 11.68
N SER A 144 -19.10 -4.41 12.22
CA SER A 144 -18.55 -5.53 11.46
C SER A 144 -18.19 -6.70 12.38
N THR A 145 -17.95 -7.87 11.78
CA THR A 145 -17.51 -9.03 12.54
C THR A 145 -16.26 -9.53 11.82
N GLU A 146 -15.10 -9.43 12.46
CA GLU A 146 -13.80 -9.83 11.90
C GLU A 146 -13.58 -11.28 12.22
N LYS A 147 -13.14 -12.06 11.26
CA LYS A 147 -12.90 -13.49 11.43
C LYS A 147 -11.42 -13.75 11.72
N MET A 148 -11.11 -14.27 12.90
CA MET A 148 -9.75 -14.50 13.36
C MET A 148 -9.33 -15.94 13.18
N TYR A 149 -8.19 -16.16 12.55
CA TYR A 149 -7.68 -17.52 12.35
C TYR A 149 -6.18 -17.55 12.28
N VAL A 150 -5.58 -18.57 12.89
CA VAL A 150 -4.14 -18.75 12.90
C VAL A 150 -3.61 -19.22 11.54
N ARG A 151 -2.48 -18.66 11.12
CA ARG A 151 -1.83 -19.08 9.89
C ARG A 151 -0.31 -18.88 10.05
N ASP A 152 0.50 -19.94 9.87
CA ASP A 152 1.96 -19.84 9.97
C ASP A 152 2.45 -19.27 11.32
N GLY A 153 1.85 -19.71 12.43
CA GLY A 153 2.23 -19.26 13.76
C GLY A 153 1.89 -17.82 14.12
N VAL A 154 1.14 -17.13 13.29
CA VAL A 154 0.69 -15.75 13.57
C VAL A 154 -0.85 -15.70 13.42
N LEU A 155 -1.48 -14.55 13.71
CA LEU A 155 -2.92 -14.47 13.68
C LEU A 155 -3.38 -13.63 12.51
N LYS A 156 -4.34 -14.13 11.75
CA LYS A 156 -4.92 -13.36 10.66
C LYS A 156 -6.35 -12.93 11.07
N GLY A 157 -6.81 -11.81 10.58
CA GLY A 157 -8.17 -11.32 10.80
C GLY A 157 -8.69 -10.77 9.49
N ASP A 158 -9.78 -11.33 8.96
CA ASP A 158 -10.37 -10.84 7.71
C ASP A 158 -11.76 -10.27 7.99
N VAL A 159 -12.14 -9.13 7.35
CA VAL A 159 -13.45 -8.57 7.63
C VAL A 159 -14.05 -7.86 6.42
N ASN A 160 -15.33 -8.17 6.16
CA ASN A 160 -16.16 -7.51 5.16
C ASN A 160 -16.64 -6.21 5.80
N MET A 161 -16.09 -5.10 5.34
CA MET A 161 -16.43 -3.76 5.80
C MET A 161 -17.32 -3.03 4.78
N ALA A 162 -18.10 -2.05 5.24
CA ALA A 162 -18.94 -1.28 4.34
C ALA A 162 -19.07 0.12 4.83
N LEU A 163 -18.86 1.10 3.94
CA LEU A 163 -19.07 2.51 4.26
C LEU A 163 -20.47 2.86 3.79
N LEU A 164 -21.31 3.40 4.68
CA LEU A 164 -22.61 3.94 4.30
C LEU A 164 -22.31 5.23 3.60
N LEU A 165 -22.98 5.47 2.46
CA LEU A 165 -22.71 6.65 1.67
C LEU A 165 -23.81 7.70 1.85
N GLN A 166 -23.45 8.97 1.60
N GLN A 166 -23.46 8.96 1.58
CA GLN A 166 -24.37 10.12 1.63
CA GLN A 166 -24.36 10.12 1.58
C GLN A 166 -25.38 9.88 0.51
C GLN A 166 -25.38 9.84 0.49
N GLY A 167 -26.65 9.85 0.85
CA GLY A 167 -27.70 9.54 -0.11
C GLY A 167 -28.11 8.07 -0.13
N GLY A 168 -27.52 7.25 0.73
CA GLY A 168 -27.85 5.84 0.81
C GLY A 168 -26.98 4.93 -0.02
N GLY A 169 -27.06 3.67 0.31
CA GLY A 169 -26.25 2.66 -0.33
C GLY A 169 -24.93 2.51 0.41
N HIS A 170 -24.21 1.42 0.12
CA HIS A 170 -22.95 1.12 0.76
C HIS A 170 -21.82 0.96 -0.25
N TYR A 171 -20.60 1.16 0.23
CA TYR A 171 -19.38 1.07 -0.55
C TYR A 171 -18.53 0.04 0.22
N ARG A 172 -18.34 -1.13 -0.39
CA ARG A 172 -17.69 -2.27 0.23
C ARG A 172 -16.17 -2.27 0.15
N CYS A 173 -15.55 -2.86 1.16
CA CYS A 173 -14.11 -2.96 1.29
C CYS A 173 -13.80 -4.24 2.00
N ASP A 174 -12.80 -4.99 1.51
CA ASP A 174 -12.39 -6.22 2.17
C ASP A 174 -11.07 -6.00 2.87
N PHE A 175 -11.05 -6.27 4.19
CA PHE A 175 -9.84 -6.09 4.97
C PHE A 175 -9.18 -7.45 5.14
N ARG A 176 -7.84 -7.48 5.07
CA ARG A 176 -7.07 -8.67 5.38
C ARG A 176 -5.93 -8.19 6.27
N THR A 177 -5.93 -8.61 7.54
CA THR A 177 -4.88 -8.19 8.47
C THR A 177 -4.07 -9.36 8.95
N THR A 178 -2.79 -9.13 9.24
CA THR A 178 -1.93 -10.13 9.82
C THR A 178 -1.35 -9.49 11.08
N TYR A 179 -1.57 -10.11 12.25
CA TYR A 179 -1.12 -9.64 13.54
C TYR A 179 0.05 -10.50 13.94
N LYS A 180 1.14 -9.86 14.44
CA LYS A 180 2.36 -10.56 14.80
C LYS A 180 2.89 -10.11 16.16
N ALA A 181 2.73 -10.98 17.16
CA ALA A 181 3.25 -10.74 18.50
C ALA A 181 4.80 -10.72 18.46
N LYS A 182 5.40 -9.88 19.31
CA LYS A 182 6.86 -9.75 19.42
C LYS A 182 7.51 -10.78 20.37
N LYS A 183 6.76 -11.79 20.77
CA LYS A 183 7.25 -12.87 21.59
C LYS A 183 6.28 -14.04 21.43
N VAL A 184 6.70 -15.22 21.88
CA VAL A 184 5.84 -16.39 21.82
C VAL A 184 4.65 -16.20 22.78
N VAL A 185 3.46 -16.34 22.25
CA VAL A 185 2.23 -16.27 23.01
C VAL A 185 1.41 -17.51 22.60
N GLN A 186 0.37 -17.85 23.39
CA GLN A 186 -0.53 -18.94 23.09
C GLN A 186 -1.42 -18.50 21.90
N LEU A 187 -1.65 -19.39 20.97
CA LEU A 187 -2.41 -19.09 19.76
C LEU A 187 -3.88 -19.47 19.97
N PRO A 188 -4.81 -18.62 19.51
CA PRO A 188 -6.23 -18.92 19.69
C PRO A 188 -6.79 -19.87 18.63
N ASP A 189 -7.92 -20.48 18.96
CA ASP A 189 -8.68 -21.24 17.99
C ASP A 189 -9.44 -20.20 17.11
N TYR A 190 -10.06 -20.65 16.02
CA TYR A 190 -10.85 -19.79 15.13
C TYR A 190 -11.94 -19.06 15.95
N HIS A 191 -12.01 -17.74 15.81
CA HIS A 191 -12.99 -16.95 16.58
C HIS A 191 -13.40 -15.67 15.86
N PHE A 192 -14.23 -14.82 16.50
CA PHE A 192 -14.76 -13.60 15.86
C PHE A 192 -14.56 -12.39 16.76
N VAL A 193 -14.43 -11.23 16.18
CA VAL A 193 -14.37 -9.99 16.97
C VAL A 193 -15.37 -9.05 16.34
N ASP A 194 -16.46 -8.74 17.07
CA ASP A 194 -17.45 -7.77 16.58
C ASP A 194 -16.89 -6.39 16.90
N HIS A 195 -17.07 -5.43 15.99
CA HIS A 195 -16.56 -4.08 16.16
C HIS A 195 -17.69 -3.09 15.90
N SER A 196 -17.60 -1.92 16.52
CA SER A 196 -18.51 -0.82 16.22
C SER A 196 -17.66 0.41 16.44
N MET A 197 -17.26 1.08 15.36
CA MET A 197 -16.38 2.23 15.47
C MET A 197 -17.03 3.42 14.79
N GLU A 198 -16.95 4.62 15.42
CA GLU A 198 -17.56 5.79 14.82
C GLU A 198 -16.81 7.07 15.17
N ILE A 199 -16.92 8.04 14.28
CA ILE A 199 -16.37 9.36 14.54
C ILE A 199 -17.47 10.01 15.39
N THR A 200 -17.13 10.43 16.59
CA THR A 200 -18.12 11.06 17.50
C THR A 200 -18.13 12.58 17.41
N SER A 201 -17.09 13.19 16.80
CA SER A 201 -17.00 14.63 16.68
C SER A 201 -15.90 14.94 15.65
N HIS A 202 -16.10 16.00 14.87
CA HIS A 202 -15.10 16.43 13.90
C HIS A 202 -15.30 17.89 13.57
N ASP A 203 -14.24 18.56 13.10
CA ASP A 203 -14.40 19.94 12.64
C ASP A 203 -14.76 19.90 11.15
N LYS A 204 -15.07 21.05 10.54
CA LYS A 204 -15.53 21.07 9.15
C LYS A 204 -14.63 20.28 8.16
N ASP A 205 -13.32 20.50 8.20
CA ASP A 205 -12.42 19.82 7.24
C ASP A 205 -11.75 18.56 7.75
N TYR A 206 -12.16 18.06 8.92
CA TYR A 206 -11.61 16.87 9.54
C TYR A 206 -10.14 17.01 9.92
N ASN A 207 -9.71 18.24 10.27
CA ASN A 207 -8.38 18.45 10.83
C ASN A 207 -8.35 17.97 12.30
N LYS A 208 -9.53 17.93 12.97
CA LYS A 208 -9.71 17.52 14.35
C LYS A 208 -10.83 16.47 14.31
N VAL A 209 -10.53 15.26 14.77
CA VAL A 209 -11.49 14.15 14.71
C VAL A 209 -11.42 13.35 16.02
N LYS A 210 -12.57 13.03 16.61
N LYS A 210 -12.57 13.02 16.60
CA LYS A 210 -12.68 12.23 17.83
CA LYS A 210 -12.66 12.22 17.81
C LYS A 210 -13.29 10.89 17.42
C LYS A 210 -13.29 10.88 17.41
N LEU A 211 -12.66 9.77 17.82
CA LEU A 211 -13.08 8.41 17.44
C LEU A 211 -13.39 7.57 18.65
N TYR A 212 -14.39 6.69 18.54
CA TYR A 212 -14.75 5.78 19.60
C TYR A 212 -14.93 4.38 19.02
N GLU A 213 -14.43 3.34 19.70
CA GLU A 213 -14.62 1.95 19.24
C GLU A 213 -14.99 1.07 20.43
N HIS A 214 -15.90 0.14 20.20
CA HIS A 214 -16.29 -0.92 21.12
C HIS A 214 -16.09 -2.22 20.33
N ALA A 215 -15.40 -3.19 20.92
CA ALA A 215 -15.14 -4.47 20.27
C ALA A 215 -15.24 -5.60 21.28
N LYS A 216 -15.81 -6.75 20.86
CA LYS A 216 -16.00 -7.87 21.75
C LYS A 216 -15.81 -9.19 20.99
N ALA A 217 -15.01 -10.10 21.53
CA ALA A 217 -14.74 -11.38 20.87
C ALA A 217 -15.80 -12.42 21.20
N HIS A 218 -16.01 -13.39 20.31
CA HIS A 218 -16.97 -14.47 20.52
C HIS A 218 -16.65 -15.69 19.62
N SER A 219 -17.36 -16.81 19.81
N SER A 219 -17.37 -16.80 19.84
CA SER A 219 -17.13 -18.02 19.02
CA SER A 219 -17.19 -18.04 19.09
C SER A 219 -18.25 -18.34 18.03
C SER A 219 -18.39 -18.38 18.20
N GLY A 220 -19.09 -17.37 17.74
CA GLY A 220 -20.20 -17.55 16.82
C GLY A 220 -21.45 -18.12 17.43
N LEU A 221 -22.42 -18.32 16.58
CA LEU A 221 -23.73 -18.75 16.98
C LEU A 221 -23.69 -20.18 17.43
N PRO A 222 -24.20 -20.51 18.64
CA PRO A 222 -24.23 -21.92 19.04
C PRO A 222 -25.21 -22.69 18.12
N ARG A 223 -24.92 -23.98 17.87
CA ARG A 223 -25.77 -24.79 17.00
C ARG A 223 -27.22 -24.93 17.52
N LEU A 224 -27.41 -24.97 18.87
CA LEU A 224 -28.76 -25.13 19.40
C LEU A 224 -29.51 -23.81 19.55
N ALA A 225 -30.77 -23.76 19.09
CA ALA A 225 -31.60 -22.55 19.16
C ALA A 225 -32.09 -22.30 20.59
N MET B 1 0.00 16.58 -30.39
CA MET B 1 1.00 15.53 -30.20
C MET B 1 2.40 16.13 -30.13
N VAL B 2 2.53 17.26 -29.46
CA VAL B 2 3.80 17.96 -29.35
C VAL B 2 4.60 17.35 -28.21
N SER B 3 5.94 17.41 -28.31
CA SER B 3 6.79 16.85 -27.30
C SER B 3 8.16 17.53 -27.23
N VAL B 4 8.65 17.77 -26.03
CA VAL B 4 9.98 18.34 -25.80
C VAL B 4 11.02 17.23 -25.49
N ILE B 5 10.62 15.94 -25.54
CA ILE B 5 11.52 14.85 -25.23
C ILE B 5 12.68 14.72 -26.27
N THR B 6 13.93 14.47 -25.79
CA THR B 6 15.07 14.28 -26.68
C THR B 6 15.51 12.78 -26.67
N SER B 7 16.42 12.41 -27.58
CA SER B 7 16.85 11.03 -27.77
C SER B 7 17.70 10.45 -26.65
N GLU B 8 18.42 11.27 -25.88
CA GLU B 8 19.25 10.75 -24.80
C GLU B 8 18.88 11.53 -23.56
N MET B 9 18.34 10.86 -22.53
CA MET B 9 17.94 11.56 -21.29
C MET B 9 18.43 10.83 -20.03
N LYS B 10 18.79 11.58 -19.02
CA LYS B 10 19.29 11.01 -17.76
C LYS B 10 18.16 10.73 -16.79
N ILE B 11 18.45 9.97 -15.74
CA ILE B 11 17.46 9.61 -14.74
C ILE B 11 18.11 9.73 -13.37
N GLU B 12 17.36 10.23 -12.41
CA GLU B 12 17.73 10.25 -11.01
C GLU B 12 16.49 9.83 -10.25
N LEU B 13 16.67 9.00 -9.23
CA LEU B 13 15.52 8.56 -8.44
C LEU B 13 15.83 8.34 -6.99
N ARG B 14 14.77 8.38 -6.19
CA ARG B 14 14.85 8.06 -4.79
C ARG B 14 13.57 7.35 -4.41
N MET B 15 13.70 6.14 -3.88
CA MET B 15 12.57 5.38 -3.41
C MET B 15 12.66 5.28 -1.88
N GLU B 16 11.56 5.52 -1.20
CA GLU B 16 11.44 5.32 0.24
C GLU B 16 10.25 4.39 0.38
N GLY B 17 10.37 3.40 1.25
CA GLY B 17 9.28 2.46 1.42
C GLY B 17 9.40 1.54 2.61
N ALA B 18 8.51 0.55 2.62
CA ALA B 18 8.51 -0.44 3.67
C ALA B 18 7.84 -1.71 3.17
N VAL B 19 8.40 -2.87 3.51
CA VAL B 19 7.82 -4.15 3.11
C VAL B 19 7.74 -4.98 4.37
N ASN B 20 6.51 -5.39 4.76
CA ASN B 20 6.23 -6.10 6.02
C ASN B 20 6.82 -5.28 7.22
N GLY B 21 6.77 -3.95 7.13
CA GLY B 21 7.28 -3.08 8.19
C GLY B 21 8.75 -2.74 8.13
N HIS B 22 9.52 -3.43 7.27
CA HIS B 22 10.96 -3.18 7.12
C HIS B 22 11.15 -1.97 6.24
N LYS B 23 11.64 -0.88 6.81
CA LYS B 23 11.89 0.39 6.14
C LYS B 23 13.15 0.33 5.30
N PHE B 24 13.19 1.11 4.21
CA PHE B 24 14.37 1.16 3.36
C PHE B 24 14.33 2.40 2.49
N VAL B 25 15.51 2.83 2.04
CA VAL B 25 15.66 3.96 1.14
C VAL B 25 16.65 3.51 0.08
N ILE B 26 16.33 3.75 -1.20
CA ILE B 26 17.21 3.35 -2.29
C ILE B 26 17.29 4.50 -3.26
N THR B 27 18.50 4.85 -3.69
CA THR B 27 18.67 5.92 -4.69
C THR B 27 19.24 5.31 -5.94
N GLY B 28 19.04 6.01 -7.05
CA GLY B 28 19.54 5.53 -8.32
C GLY B 28 19.83 6.62 -9.30
N LYS B 29 20.72 6.31 -10.25
CA LYS B 29 21.10 7.19 -11.35
C LYS B 29 21.14 6.33 -12.57
N GLY B 30 20.70 6.88 -13.70
CA GLY B 30 20.73 6.13 -14.94
C GLY B 30 20.59 6.98 -16.17
N SER B 31 20.28 6.35 -17.27
N SER B 31 20.38 6.32 -17.32
CA SER B 31 20.08 7.04 -18.53
CA SER B 31 20.30 6.97 -18.62
C SER B 31 19.22 6.19 -19.44
C SER B 31 19.37 6.15 -19.54
N GLY B 32 18.67 6.81 -20.47
CA GLY B 32 17.83 6.10 -21.40
C GLY B 32 17.68 6.78 -22.74
N GLN B 33 17.07 6.07 -23.69
CA GLN B 33 16.77 6.60 -25.01
C GLN B 33 15.23 6.47 -25.19
N PRO B 34 14.52 7.57 -24.89
CA PRO B 34 13.04 7.52 -24.93
C PRO B 34 12.42 7.02 -26.21
N PHE B 35 12.96 7.42 -27.39
CA PHE B 35 12.38 6.99 -28.66
C PHE B 35 12.68 5.53 -28.98
N GLU B 36 13.79 4.99 -28.45
CA GLU B 36 14.13 3.58 -28.64
C GLU B 36 13.52 2.65 -27.56
N GLY B 37 12.91 3.21 -26.53
CA GLY B 37 12.27 2.45 -25.45
C GLY B 37 13.27 1.67 -24.63
N ILE B 38 14.46 2.23 -24.38
CA ILE B 38 15.51 1.52 -23.65
C ILE B 38 16.03 2.37 -22.52
N GLN B 39 16.38 1.74 -21.38
CA GLN B 39 16.92 2.49 -20.27
C GLN B 39 17.67 1.59 -19.33
N ASN B 40 18.60 2.20 -18.61
CA ASN B 40 19.40 1.54 -17.59
C ASN B 40 19.40 2.37 -16.33
N VAL B 41 19.48 1.73 -15.18
N VAL B 41 19.41 1.74 -15.16
CA VAL B 41 19.59 2.46 -13.92
CA VAL B 41 19.51 2.48 -13.87
C VAL B 41 20.49 1.67 -12.96
C VAL B 41 20.44 1.70 -12.93
N ASP B 42 21.31 2.39 -12.16
CA ASP B 42 22.21 1.79 -11.17
C ASP B 42 21.63 2.21 -9.81
N LEU B 43 21.28 1.22 -8.97
CA LEU B 43 20.61 1.44 -7.70
C LEU B 43 21.52 1.09 -6.54
N THR B 44 21.33 1.82 -5.44
CA THR B 44 22.08 1.62 -4.22
C THR B 44 21.15 1.71 -3.03
N VAL B 45 21.08 0.65 -2.23
CA VAL B 45 20.29 0.68 -0.99
C VAL B 45 21.11 1.52 0.02
N ILE B 46 20.61 2.71 0.43
CA ILE B 46 21.37 3.52 1.39
C ILE B 46 20.82 3.36 2.84
N GLU B 47 19.60 2.84 3.01
CA GLU B 47 19.05 2.59 4.34
C GLU B 47 18.28 1.28 4.29
N GLY B 48 18.36 0.48 5.35
CA GLY B 48 17.58 -0.75 5.42
C GLY B 48 18.22 -2.00 4.86
N GLY B 49 19.43 -1.88 4.35
CA GLY B 49 20.15 -3.05 3.83
C GLY B 49 20.77 -3.88 4.96
N PRO B 50 20.93 -5.21 4.80
CA PRO B 50 20.52 -6.04 3.65
C PRO B 50 18.99 -6.22 3.67
N LEU B 51 18.34 -6.05 2.52
CA LEU B 51 16.90 -6.19 2.43
C LEU B 51 16.51 -7.64 2.69
N PRO B 52 15.50 -7.86 3.57
CA PRO B 52 15.09 -9.27 3.85
C PRO B 52 14.07 -9.83 2.85
N PHE B 53 13.72 -9.06 1.79
CA PHE B 53 12.76 -9.50 0.77
C PHE B 53 13.40 -9.51 -0.63
N ALA B 54 12.76 -10.23 -1.58
CA ALA B 54 13.25 -10.30 -2.96
C ALA B 54 13.31 -8.89 -3.57
N PHE B 55 14.50 -8.50 -4.07
CA PHE B 55 14.65 -7.20 -4.71
C PHE B 55 13.73 -7.07 -5.93
N ASP B 56 13.43 -8.20 -6.61
CA ASP B 56 12.54 -8.20 -7.78
C ASP B 56 11.21 -7.52 -7.55
N ILE B 57 10.65 -7.55 -6.33
CA ILE B 57 9.33 -6.90 -6.11
C ILE B 57 9.41 -5.38 -6.33
N LEU B 58 10.61 -4.76 -6.14
CA LEU B 58 10.75 -3.30 -6.31
C LEU B 58 11.04 -2.83 -7.76
N THR B 59 11.59 -3.69 -8.62
CA THR B 59 12.22 -3.28 -9.88
C THR B 59 11.31 -2.54 -10.87
N THR B 60 10.02 -2.93 -11.03
CA THR B 60 9.15 -2.18 -11.93
C THR B 60 8.82 -0.79 -11.40
N ALA B 61 9.05 -0.53 -10.08
CA ALA B 61 8.81 0.82 -9.56
C ALA B 61 9.97 1.76 -10.00
N PHE B 62 11.19 1.19 -10.18
CA PHE B 62 12.35 1.95 -10.67
C PHE B 62 12.21 2.11 -12.18
N1 A1IJE B 63 11.74 1.02 -12.93
C1 A1IJE B 63 10.00 0.85 -14.63
C A1IJE B 63 14.92 -0.26 -15.67
CA A1IJE B 63 13.89 0.55 -14.91
CB A1IJE B 63 12.42 0.24 -15.19
CA1 A1IJE B 63 11.47 1.14 -14.38
O5 A1IJE B 63 15.92 0.36 -16.07
O4 A1IJE B 63 14.71 -1.49 -15.89
N2 A1IJE B 63 9.53 -0.24 -15.19
CA2 A1IJE B 63 8.14 -0.06 -15.24
C11 A1IJE B 63 7.26 -1.00 -15.85
C12 A1IJE B 63 7.35 -2.34 -16.20
C13 A1IJE B 63 6.14 -3.06 -16.49
C14 A1IJE B 63 6.14 -4.36 -16.88
C15 A1IJE B 63 7.39 -5.10 -16.99
O16 A1IJE B 63 7.40 -6.29 -17.35
C17 A1IJE B 63 8.62 -4.36 -16.69
C18 A1IJE B 63 8.59 -3.07 -16.32
C2 A1IJE B 63 7.83 1.14 -14.70
O2 A1IJE B 63 6.76 1.75 -14.57
N3 A1IJE B 63 8.99 1.72 -14.31
CA3 A1IJE B 63 9.06 2.97 -13.55
C3 A1IJE B 63 8.78 4.20 -14.40
O3 A1IJE B 63 8.41 5.22 -13.80
N ASN B 64 8.98 4.16 -15.70
CA ASN B 64 8.78 5.41 -16.43
C ASN B 64 8.43 5.07 -17.85
N ARG B 65 7.12 5.16 -18.19
CA ARG B 65 6.60 4.78 -19.51
C ARG B 65 6.92 5.80 -20.63
N VAL B 66 7.76 6.81 -20.33
CA VAL B 66 8.36 7.64 -21.35
C VAL B 66 9.33 6.74 -22.18
N PHE B 67 9.98 5.74 -21.53
CA PHE B 67 10.94 4.87 -22.20
C PHE B 67 10.23 3.68 -22.86
N VAL B 68 9.49 3.99 -23.93
CA VAL B 68 8.75 3.04 -24.75
C VAL B 68 8.85 3.53 -26.19
N GLU B 69 9.13 2.61 -27.12
CA GLU B 69 9.13 2.96 -28.53
C GLU B 69 7.64 2.98 -28.96
N TYR B 70 7.07 4.19 -29.10
CA TYR B 70 5.70 4.34 -29.56
C TYR B 70 5.71 4.54 -31.07
N PRO B 71 4.92 3.76 -31.82
CA PRO B 71 4.81 4.03 -33.25
C PRO B 71 3.99 5.29 -33.51
N GLU B 72 4.15 5.82 -34.73
CA GLU B 72 3.46 7.03 -35.14
C GLU B 72 1.94 6.99 -35.00
N GLU B 73 1.34 5.84 -35.27
CA GLU B 73 -0.11 5.73 -35.24
C GLU B 73 -0.73 5.54 -33.83
N ILE B 74 0.09 5.56 -32.78
CA ILE B 74 -0.47 5.44 -31.42
C ILE B 74 -0.08 6.67 -30.64
N VAL B 75 -1.09 7.36 -30.11
CA VAL B 75 -0.88 8.53 -29.25
C VAL B 75 0.02 8.14 -28.03
N ASP B 76 1.04 8.95 -27.77
CA ASP B 76 2.02 8.74 -26.71
C ASP B 76 1.69 9.68 -25.59
N TYR B 77 0.90 9.19 -24.62
CA TYR B 77 0.46 9.96 -23.48
C TYR B 77 1.66 10.51 -22.68
N PHE B 78 2.75 9.76 -22.64
CA PHE B 78 3.89 10.04 -21.76
C PHE B 78 4.80 11.12 -22.30
N LYS B 79 5.23 10.99 -23.56
CA LYS B 79 6.11 12.00 -24.15
C LYS B 79 5.43 13.37 -24.27
N GLN B 80 4.11 13.39 -24.47
CA GLN B 80 3.40 14.69 -24.54
C GLN B 80 3.36 15.42 -23.19
N SER B 81 3.45 14.66 -22.07
CA SER B 81 3.27 15.27 -20.76
C SER B 81 4.42 16.16 -20.29
N PHE B 82 5.58 16.08 -20.92
CA PHE B 82 6.72 16.88 -20.49
C PHE B 82 6.66 18.32 -21.07
N PRO B 83 7.30 19.32 -20.43
CA PRO B 83 8.20 19.22 -19.26
C PRO B 83 7.51 19.06 -17.90
N GLU B 84 6.21 19.35 -17.80
CA GLU B 84 5.49 19.28 -16.54
C GLU B 84 5.57 17.88 -15.91
N GLY B 85 5.43 16.87 -16.76
CA GLY B 85 5.57 15.49 -16.32
C GLY B 85 4.26 14.82 -15.98
N TYR B 86 4.36 13.71 -15.29
CA TYR B 86 3.19 12.92 -14.93
C TYR B 86 3.52 12.11 -13.68
N SER B 87 2.50 11.52 -13.09
CA SER B 87 2.70 10.64 -11.96
C SER B 87 1.99 9.31 -12.26
N TRP B 88 2.35 8.28 -11.51
CA TRP B 88 1.63 7.02 -11.58
C TRP B 88 1.44 6.46 -10.18
N GLU B 89 0.37 5.66 -10.05
N GLU B 89 0.41 5.64 -10.04
CA GLU B 89 -0.07 4.96 -8.84
CA GLU B 89 0.09 4.94 -8.81
C GLU B 89 -0.30 3.51 -9.27
C GLU B 89 -0.26 3.52 -9.25
N ARG B 90 0.15 2.53 -8.47
CA ARG B 90 0.00 1.15 -8.87
C ARG B 90 -0.27 0.22 -7.74
N SER B 91 -1.15 -0.76 -7.97
CA SER B 91 -1.32 -1.86 -7.01
C SER B 91 -0.71 -3.12 -7.68
N MET B 92 -0.01 -3.95 -6.90
CA MET B 92 0.66 -5.17 -7.39
C MET B 92 0.18 -6.27 -6.44
N SER B 93 -0.79 -7.08 -6.90
N SER B 93 -0.79 -7.08 -6.90
CA SER B 93 -1.45 -8.10 -6.09
CA SER B 93 -1.46 -8.08 -6.08
C SER B 93 -0.91 -9.48 -6.40
C SER B 93 -0.94 -9.47 -6.39
N TYR B 94 -0.18 -10.07 -5.45
CA TYR B 94 0.42 -11.40 -5.61
C TYR B 94 -0.55 -12.52 -5.30
N GLU B 95 -0.42 -13.67 -5.97
CA GLU B 95 -1.36 -14.77 -5.83
C GLU B 95 -1.40 -15.38 -4.41
N ASP B 96 -0.38 -15.13 -3.58
CA ASP B 96 -0.39 -15.65 -2.22
C ASP B 96 -0.89 -14.60 -1.17
N GLY B 97 -1.51 -13.51 -1.64
CA GLY B 97 -2.07 -12.50 -0.78
C GLY B 97 -1.16 -11.34 -0.45
N GLY B 98 0.13 -11.47 -0.73
CA GLY B 98 1.07 -10.35 -0.60
C GLY B 98 0.64 -9.22 -1.55
N ILE B 99 0.78 -7.96 -1.10
CA ILE B 99 0.33 -6.83 -1.91
C ILE B 99 1.24 -5.66 -1.74
N CYS B 100 1.57 -4.98 -2.85
CA CYS B 100 2.40 -3.79 -2.82
C CYS B 100 1.67 -2.66 -3.52
N LEU B 101 1.84 -1.44 -3.02
CA LEU B 101 1.37 -0.23 -3.70
C LEU B 101 2.61 0.62 -3.92
N ALA B 102 2.66 1.30 -5.06
CA ALA B 102 3.77 2.21 -5.31
C ALA B 102 3.26 3.43 -6.08
N THR B 103 3.98 4.54 -5.92
CA THR B 103 3.69 5.76 -6.67
C THR B 103 5.02 6.32 -7.20
N ASN B 104 4.96 7.08 -8.28
CA ASN B 104 6.14 7.75 -8.80
C ASN B 104 5.68 9.09 -9.31
N ASN B 105 6.33 10.17 -8.86
CA ASN B 105 6.03 11.50 -9.35
C ASN B 105 7.23 11.84 -10.25
N ILE B 106 7.01 11.96 -11.56
CA ILE B 106 8.09 12.15 -12.54
C ILE B 106 8.09 13.57 -13.11
N THR B 107 9.14 14.34 -12.79
CA THR B 107 9.27 15.72 -13.24
C THR B 107 10.70 15.92 -13.85
N MET B 108 11.02 17.13 -14.33
CA MET B 108 12.34 17.43 -14.87
C MET B 108 13.20 18.01 -13.77
N LYS B 109 14.50 17.73 -13.80
CA LYS B 109 15.44 18.28 -12.82
C LYS B 109 15.39 19.82 -12.86
N LYS B 110 15.36 20.44 -11.70
CA LYS B 110 15.23 21.89 -11.55
C LYS B 110 16.37 22.70 -12.15
N ASP B 111 17.50 22.08 -12.51
CA ASP B 111 18.61 22.83 -13.13
C ASP B 111 18.47 22.98 -14.66
N GLY B 112 17.33 22.58 -15.23
CA GLY B 112 17.13 22.65 -16.68
C GLY B 112 17.83 21.56 -17.48
N SER B 113 18.54 20.63 -16.80
CA SER B 113 19.23 19.54 -17.52
C SER B 113 18.22 18.50 -18.10
N ASN B 114 18.67 17.68 -19.08
CA ASN B 114 17.87 16.64 -19.73
C ASN B 114 17.76 15.43 -18.75
N CYS B 115 17.19 15.64 -17.56
CA CYS B 115 17.17 14.61 -16.52
C CYS B 115 15.79 14.46 -15.90
N PHE B 116 15.25 13.24 -15.85
CA PHE B 116 14.00 12.96 -15.17
C PHE B 116 14.31 12.73 -13.71
N VAL B 117 13.52 13.33 -12.83
CA VAL B 117 13.61 13.16 -11.38
C VAL B 117 12.38 12.34 -10.96
N ASN B 118 12.64 11.24 -10.28
CA ASN B 118 11.59 10.31 -9.86
C ASN B 118 11.49 10.25 -8.35
N GLU B 119 10.32 10.60 -7.81
CA GLU B 119 10.11 10.50 -6.36
C GLU B 119 9.20 9.29 -6.15
N ILE B 120 9.75 8.18 -5.64
CA ILE B 120 9.00 6.92 -5.53
C ILE B 120 8.70 6.53 -4.10
N ARG B 121 7.47 6.11 -3.84
CA ARG B 121 7.08 5.58 -2.54
C ARG B 121 6.67 4.12 -2.79
N PHE B 122 7.08 3.18 -1.93
CA PHE B 122 6.76 1.78 -2.14
C PHE B 122 6.39 1.15 -0.83
N ASP B 123 5.25 0.43 -0.77
CA ASP B 123 4.82 -0.19 0.49
C ASP B 123 4.26 -1.58 0.22
N GLY B 124 4.67 -2.58 0.99
CA GLY B 124 4.20 -3.94 0.79
C GLY B 124 3.76 -4.56 2.10
N VAL B 125 2.71 -5.39 2.07
CA VAL B 125 2.23 -6.08 3.27
C VAL B 125 1.77 -7.51 2.92
N ASN B 126 1.58 -8.35 3.97
CA ASN B 126 0.99 -9.68 3.93
C ASN B 126 1.76 -10.68 3.11
N PHE B 127 3.09 -10.50 3.03
CA PHE B 127 3.90 -11.53 2.38
C PHE B 127 4.13 -12.66 3.40
N PRO B 128 3.72 -13.89 3.07
CA PRO B 128 3.98 -15.04 3.97
C PRO B 128 5.47 -15.21 4.28
N ALA B 129 5.81 -15.56 5.52
CA ALA B 129 7.22 -15.71 5.94
C ALA B 129 7.97 -16.75 5.12
N ASN B 130 7.27 -17.77 4.63
CA ASN B 130 7.90 -18.82 3.83
C ASN B 130 7.62 -18.73 2.34
N GLY B 131 7.06 -17.63 1.88
CA GLY B 131 6.80 -17.42 0.46
C GLY B 131 8.09 -17.07 -0.26
N PRO B 132 8.01 -17.01 -1.60
CA PRO B 132 9.23 -16.73 -2.38
C PRO B 132 9.76 -15.30 -2.21
N VAL B 133 8.92 -14.35 -1.76
CA VAL B 133 9.39 -12.98 -1.59
C VAL B 133 10.25 -12.88 -0.34
N MET B 134 9.75 -13.37 0.80
CA MET B 134 10.49 -13.32 2.04
C MET B 134 11.67 -14.32 2.09
N GLN B 135 11.57 -15.43 1.38
CA GLN B 135 12.68 -16.41 1.32
C GLN B 135 13.67 -16.09 0.17
N ARG B 136 13.37 -15.04 -0.64
CA ARG B 136 14.21 -14.63 -1.76
C ARG B 136 14.46 -15.76 -2.74
N LYS B 137 13.38 -16.37 -3.23
CA LYS B 137 13.49 -17.47 -4.19
C LYS B 137 13.08 -17.02 -5.60
N THR B 138 13.11 -15.72 -5.92
CA THR B 138 12.75 -15.26 -7.26
C THR B 138 13.98 -15.18 -8.17
N VAL B 139 13.81 -15.46 -9.46
CA VAL B 139 14.90 -15.41 -10.45
C VAL B 139 14.80 -14.09 -11.27
N LYS B 140 13.63 -13.83 -11.85
CA LYS B 140 13.39 -12.63 -12.64
C LYS B 140 11.90 -12.49 -12.97
N TRP B 141 11.50 -11.31 -13.45
CA TRP B 141 10.18 -11.13 -14.01
C TRP B 141 10.28 -11.66 -15.46
N GLU B 142 9.24 -12.34 -15.93
CA GLU B 142 9.14 -12.69 -17.32
C GLU B 142 8.82 -11.40 -18.10
N PRO B 143 9.05 -11.39 -19.43
CA PRO B 143 8.53 -10.28 -20.24
C PRO B 143 6.99 -10.23 -20.11
N SER B 144 6.39 -9.12 -20.50
CA SER B 144 4.95 -8.97 -20.30
C SER B 144 4.35 -8.07 -21.35
N THR B 145 3.02 -8.06 -21.43
CA THR B 145 2.32 -7.15 -22.31
C THR B 145 1.29 -6.40 -21.44
N GLU B 146 1.47 -5.10 -21.28
CA GLU B 146 0.63 -4.23 -20.50
C GLU B 146 -0.54 -3.75 -21.36
N LYS B 147 -1.77 -3.81 -20.85
CA LYS B 147 -2.97 -3.38 -21.59
C LYS B 147 -3.29 -1.94 -21.18
N MET B 148 -3.22 -0.98 -22.12
CA MET B 148 -3.40 0.46 -21.88
C MET B 148 -4.79 0.93 -22.37
N TYR B 149 -5.54 1.58 -21.50
CA TYR B 149 -6.89 2.04 -21.82
C TYR B 149 -7.24 3.27 -21.03
N VAL B 150 -7.96 4.19 -21.66
CA VAL B 150 -8.38 5.42 -21.04
C VAL B 150 -9.55 5.18 -20.08
N ARG B 151 -9.54 5.89 -18.96
CA ARG B 151 -10.66 5.84 -18.01
C ARG B 151 -10.71 7.18 -17.26
N ASP B 152 -11.85 7.89 -17.29
CA ASP B 152 -12.01 9.16 -16.56
C ASP B 152 -10.95 10.21 -16.93
N GLY B 153 -10.63 10.32 -18.23
CA GLY B 153 -9.67 11.31 -18.71
C GLY B 153 -8.21 11.05 -18.39
N VAL B 154 -7.89 9.89 -17.81
CA VAL B 154 -6.50 9.52 -17.50
C VAL B 154 -6.23 8.13 -18.14
N LEU B 155 -4.98 7.64 -18.07
CA LEU B 155 -4.64 6.37 -18.71
C LEU B 155 -4.45 5.30 -17.67
N LYS B 156 -5.03 4.13 -17.91
CA LYS B 156 -4.81 2.99 -17.03
C LYS B 156 -3.94 1.96 -17.79
N GLY B 157 -3.17 1.18 -17.06
CA GLY B 157 -2.37 0.12 -17.63
C GLY B 157 -2.47 -1.08 -16.72
N ASP B 158 -2.97 -2.22 -17.21
CA ASP B 158 -3.06 -3.42 -16.39
C ASP B 158 -2.15 -4.51 -16.97
N VAL B 159 -1.45 -5.28 -16.14
CA VAL B 159 -0.56 -6.31 -16.70
C VAL B 159 -0.45 -7.55 -15.79
N ASN B 160 -0.61 -8.75 -16.40
CA ASN B 160 -0.40 -10.04 -15.77
C ASN B 160 1.13 -10.26 -15.78
N MET B 161 1.74 -10.18 -14.60
CA MET B 161 3.16 -10.37 -14.40
C MET B 161 3.44 -11.73 -13.75
N ALA B 162 4.65 -12.25 -13.95
CA ALA B 162 5.02 -13.53 -13.35
C ALA B 162 6.47 -13.52 -13.01
N LEU B 163 6.81 -13.94 -11.78
CA LEU B 163 8.18 -14.09 -11.36
C LEU B 163 8.52 -15.57 -11.54
N LEU B 164 9.58 -15.85 -12.31
CA LEU B 164 10.11 -17.20 -12.42
C LEU B 164 10.79 -17.48 -11.09
N LEU B 165 10.54 -18.65 -10.51
CA LEU B 165 11.14 -19.04 -9.23
C LEU B 165 12.33 -19.96 -9.39
N GLN B 166 13.22 -19.96 -8.38
CA GLN B 166 14.32 -20.92 -8.28
C GLN B 166 13.73 -22.29 -8.15
N GLY B 167 14.20 -23.21 -8.95
CA GLY B 167 13.60 -24.55 -8.98
C GLY B 167 12.45 -24.67 -9.96
N GLY B 168 12.08 -23.57 -10.62
CA GLY B 168 11.02 -23.60 -11.60
C GLY B 168 9.67 -23.20 -11.07
N GLY B 169 8.76 -23.02 -12.00
CA GLY B 169 7.43 -22.57 -11.68
C GLY B 169 7.42 -21.05 -11.62
N HIS B 170 6.21 -20.49 -11.68
CA HIS B 170 6.04 -19.04 -11.65
C HIS B 170 5.17 -18.61 -10.44
N TYR B 171 5.34 -17.36 -10.05
CA TYR B 171 4.62 -16.72 -8.97
C TYR B 171 3.98 -15.50 -9.60
N ARG B 172 2.65 -15.53 -9.71
CA ARG B 172 1.88 -14.52 -10.41
C ARG B 172 1.53 -13.28 -9.59
N CYS B 173 1.46 -12.14 -10.29
CA CYS B 173 1.12 -10.85 -9.71
C CYS B 173 0.32 -10.08 -10.72
N ASP B 174 -0.74 -9.41 -10.27
CA ASP B 174 -1.54 -8.58 -11.17
C ASP B 174 -1.26 -7.12 -10.89
N PHE B 175 -0.83 -6.38 -11.91
CA PHE B 175 -0.54 -4.97 -11.75
C PHE B 175 -1.73 -4.17 -12.25
N ARG B 176 -2.06 -3.07 -11.55
CA ARG B 176 -3.07 -2.13 -12.00
C ARG B 176 -2.47 -0.75 -11.78
N THR B 177 -2.20 -0.03 -12.86
CA THR B 177 -1.58 1.29 -12.76
C THR B 177 -2.49 2.36 -13.30
N THR B 178 -2.40 3.56 -12.75
CA THR B 178 -3.13 4.71 -13.26
C THR B 178 -2.07 5.77 -13.48
N TYR B 179 -1.98 6.26 -14.72
CA TYR B 179 -1.01 7.28 -15.13
C TYR B 179 -1.78 8.60 -15.27
N LYS B 180 -1.23 9.69 -14.72
CA LYS B 180 -1.88 11.00 -14.73
C LYS B 180 -0.92 12.09 -15.14
N ALA B 181 -1.09 12.60 -16.38
CA ALA B 181 -0.30 13.70 -16.92
C ALA B 181 -0.64 14.98 -16.10
N LYS B 182 0.38 15.82 -15.87
CA LYS B 182 0.23 17.08 -15.12
C LYS B 182 -0.18 18.26 -16.01
N LYS B 183 -0.50 17.98 -17.28
CA LYS B 183 -1.00 18.98 -18.21
C LYS B 183 -1.95 18.28 -19.17
N VAL B 184 -2.71 19.04 -19.98
CA VAL B 184 -3.63 18.42 -20.92
C VAL B 184 -2.82 17.78 -22.05
N VAL B 185 -3.10 16.52 -22.33
CA VAL B 185 -2.45 15.82 -23.42
C VAL B 185 -3.56 15.06 -24.19
N GLN B 186 -3.24 14.62 -25.41
CA GLN B 186 -4.16 13.85 -26.23
C GLN B 186 -4.22 12.44 -25.64
N LEU B 187 -5.40 11.84 -25.62
CA LEU B 187 -5.61 10.52 -25.02
C LEU B 187 -5.57 9.42 -26.07
N PRO B 188 -4.85 8.32 -25.80
CA PRO B 188 -4.73 7.27 -26.82
C PRO B 188 -5.91 6.31 -26.87
N ASP B 189 -6.07 5.62 -27.98
CA ASP B 189 -7.04 4.53 -28.08
C ASP B 189 -6.41 3.33 -27.32
N TYR B 190 -7.19 2.26 -27.13
CA TYR B 190 -6.74 1.03 -26.48
C TYR B 190 -5.50 0.48 -27.19
N HIS B 191 -4.43 0.20 -26.44
CA HIS B 191 -3.20 -0.32 -27.04
C HIS B 191 -2.41 -1.16 -26.02
N PHE B 192 -1.22 -1.59 -26.40
CA PHE B 192 -0.40 -2.48 -25.55
C PHE B 192 0.99 -1.96 -25.45
N VAL B 193 1.70 -2.32 -24.40
CA VAL B 193 3.12 -2.02 -24.29
C VAL B 193 3.82 -3.32 -23.88
N ASP B 194 4.66 -3.87 -24.73
CA ASP B 194 5.42 -5.07 -24.40
C ASP B 194 6.64 -4.59 -23.61
N HIS B 195 7.03 -5.35 -22.57
CA HIS B 195 8.14 -4.96 -21.73
C HIS B 195 9.08 -6.15 -21.58
N SER B 196 10.36 -5.88 -21.37
CA SER B 196 11.32 -6.92 -21.02
C SER B 196 12.30 -6.22 -20.09
N MET B 197 12.24 -6.53 -18.80
CA MET B 197 13.08 -5.86 -17.81
C MET B 197 13.90 -6.88 -17.07
N GLU B 198 15.16 -6.54 -16.80
N GLU B 198 15.19 -6.58 -16.84
CA GLU B 198 16.07 -7.47 -16.18
CA GLU B 198 16.05 -7.53 -16.15
C GLU B 198 17.09 -6.80 -15.26
C GLU B 198 17.15 -6.86 -15.34
N ILE B 199 17.57 -7.55 -14.27
CA ILE B 199 18.65 -7.11 -13.43
C ILE B 199 19.89 -7.63 -14.19
N THR B 200 20.78 -6.73 -14.58
CA THR B 200 21.98 -7.10 -15.35
C THR B 200 23.22 -7.34 -14.45
N SER B 201 23.14 -6.93 -13.17
CA SER B 201 24.25 -7.05 -12.23
C SER B 201 23.72 -6.78 -10.83
N HIS B 202 24.23 -7.50 -9.85
CA HIS B 202 23.88 -7.23 -8.46
C HIS B 202 24.97 -7.75 -7.53
N ASP B 203 25.08 -7.18 -6.34
CA ASP B 203 26.02 -7.73 -5.36
C ASP B 203 25.29 -8.80 -4.54
N LYS B 204 26.00 -9.51 -3.62
CA LYS B 204 25.39 -10.63 -2.92
C LYS B 204 24.05 -10.29 -2.25
N ASP B 205 23.96 -9.17 -1.52
CA ASP B 205 22.74 -8.83 -0.78
C ASP B 205 21.81 -7.86 -1.48
N TYR B 206 22.08 -7.55 -2.77
CA TYR B 206 21.31 -6.61 -3.56
C TYR B 206 21.35 -5.20 -3.00
N ASN B 207 22.44 -4.81 -2.34
CA ASN B 207 22.64 -3.41 -1.95
C ASN B 207 22.98 -2.58 -3.20
N LYS B 208 23.58 -3.20 -4.24
CA LYS B 208 23.96 -2.57 -5.51
C LYS B 208 23.29 -3.40 -6.60
N VAL B 209 22.46 -2.76 -7.44
CA VAL B 209 21.70 -3.47 -8.47
C VAL B 209 21.67 -2.62 -9.75
N LYS B 210 21.88 -3.23 -10.91
CA LYS B 210 21.78 -2.53 -12.18
C LYS B 210 20.62 -3.15 -12.94
N LEU B 211 19.79 -2.31 -13.55
CA LEU B 211 18.57 -2.70 -14.23
C LEU B 211 18.54 -2.23 -15.67
N TYR B 212 17.96 -3.04 -16.56
CA TYR B 212 17.80 -2.69 -17.96
C TYR B 212 16.36 -2.98 -18.38
N GLU B 213 15.71 -2.07 -19.12
CA GLU B 213 14.37 -2.34 -19.64
C GLU B 213 14.29 -1.93 -21.09
N HIS B 214 13.57 -2.73 -21.88
CA HIS B 214 13.25 -2.49 -23.25
C HIS B 214 11.71 -2.56 -23.34
N ALA B 215 11.06 -1.54 -23.93
CA ALA B 215 9.59 -1.53 -24.02
C ALA B 215 9.16 -0.95 -25.36
N LYS B 216 8.09 -1.52 -25.95
CA LYS B 216 7.65 -1.10 -27.27
C LYS B 216 6.12 -1.21 -27.35
N ALA B 217 5.45 -0.15 -27.81
CA ALA B 217 4.00 -0.13 -27.88
C ALA B 217 3.49 -0.72 -29.19
N HIS B 218 2.27 -1.27 -29.17
CA HIS B 218 1.69 -1.82 -30.40
C HIS B 218 0.16 -1.90 -30.29
N SER B 219 -0.54 -2.28 -31.37
N SER B 219 -0.52 -2.29 -31.39
CA SER B 219 -2.01 -2.38 -31.33
CA SER B 219 -1.98 -2.40 -31.43
C SER B 219 -2.54 -3.81 -31.34
C SER B 219 -2.48 -3.83 -31.55
N GLY B 220 -1.69 -4.79 -31.09
CA GLY B 220 -2.10 -6.18 -31.05
C GLY B 220 -2.07 -6.87 -32.40
N LEU B 221 -2.54 -8.09 -32.40
CA LEU B 221 -2.53 -8.92 -33.58
C LEU B 221 -3.53 -8.43 -34.58
N PRO B 222 -3.12 -8.17 -35.83
CA PRO B 222 -4.14 -7.79 -36.83
C PRO B 222 -5.08 -9.00 -37.09
N ARG B 223 -6.34 -8.72 -37.44
CA ARG B 223 -7.33 -9.76 -37.77
C ARG B 223 -6.88 -10.69 -38.95
N LEU B 224 -6.13 -10.15 -39.96
CA LEU B 224 -5.69 -10.98 -41.08
C LEU B 224 -4.39 -11.74 -40.78
N ALA B 225 -4.35 -13.03 -41.14
CA ALA B 225 -3.16 -13.85 -40.89
C ALA B 225 -1.96 -13.51 -41.81
NA NA C . -18.53 2.69 29.25
#